data_5JFX
#
_entry.id   5JFX
#
_cell.length_a   125.013
_cell.length_b   125.013
_cell.length_c   46.216
_cell.angle_alpha   90.00
_cell.angle_beta   90.00
_cell.angle_gamma   120.00
#
_symmetry.space_group_name_H-M   'P 64'
#
loop_
_entity.id
_entity.type
_entity.pdbx_description
1 polymer 'High affinity nerve growth factor receptor'
2 non-polymer N-{5-[2-amino-7-(1-hydroxy-2-methylpropan-2-yl)-7H-pyrrolo[2,3-d]pyrimidine-5-carbonyl]pyridin-3-yl}-2-(5-chloropyridin-2-yl)acetamide
3 water water
#
_entity_poly.entity_id   1
_entity_poly.type   'polypeptide(L)'
_entity_poly.pdbx_seq_one_letter_code
;MHHHHHHLVPRGSVHHIKRRDIVLKWELGEGAFGKVFLAECHNLLPEQDKMLVAVKALKEASESARQDFQREAELLTMLQ
HQHIVRFFGVCTEGRPLLMVFEYMRHGDLNRFLRSHGPDAKLLAGGEDVAPGPLGLGQLLAVASQVAAGMVYLAGLHFVH
RDLATRNCLVGQGLVVKIGDFGMSRDIYSTDYYRVGGRTMLPIRWMPPESILYRKFTTESDVWSFGVVLWEIFTYGKQPW
YQLSNTEAIDCITQGRELERPRACPPEVYAIMRGCWQREPQQRHSIKDVHARLQALAQAPPVYLDVLG
;
_entity_poly.pdbx_strand_id   A
#
loop_
_chem_comp.id
_chem_comp.type
_chem_comp.name
_chem_comp.formula
6K4 non-polymer N-{5-[2-amino-7-(1-hydroxy-2-methylpropan-2-yl)-7H-pyrrolo[2,3-d]pyrimidine-5-carbonyl]pyridin-3-yl}-2-(5-chloropyridin-2-yl)acetamide 'C23 H22 Cl N7 O3'
#
# COMPACT_ATOMS: atom_id res chain seq x y z
N MET A 1 10.56 -7.99 14.08
CA MET A 1 9.45 -7.47 13.26
C MET A 1 9.96 -6.59 12.11
N HIS A 2 10.88 -5.64 12.40
CA HIS A 2 11.44 -4.72 11.42
C HIS A 2 12.94 -5.00 11.18
N HIS A 3 13.41 -6.24 11.51
CA HIS A 3 14.79 -6.71 11.36
C HIS A 3 15.32 -6.56 9.92
N HIS A 4 14.45 -6.86 8.92
CA HIS A 4 14.74 -6.77 7.50
C HIS A 4 15.01 -5.32 7.04
N HIS A 5 14.64 -4.32 7.87
CA HIS A 5 14.89 -2.91 7.56
C HIS A 5 16.15 -2.36 8.29
N HIS A 6 16.99 -3.22 8.91
CA HIS A 6 18.17 -2.74 9.66
C HIS A 6 19.15 -1.81 8.90
N HIS A 7 19.28 -1.99 7.57
CA HIS A 7 20.15 -1.16 6.72
C HIS A 7 19.63 0.29 6.57
N LEU A 8 18.36 0.52 6.93
CA LEU A 8 17.75 1.84 6.86
C LEU A 8 18.09 2.53 8.18
N VAL A 9 18.75 3.67 8.10
CA VAL A 9 19.19 4.36 9.31
C VAL A 9 18.52 5.72 9.41
N PRO A 10 17.76 5.99 10.50
CA PRO A 10 17.09 7.30 10.63
C PRO A 10 18.05 8.47 10.72
N ARG A 11 17.72 9.58 10.02
CA ARG A 11 18.54 10.79 10.06
C ARG A 11 18.20 11.55 11.35
N GLY A 12 16.91 11.65 11.65
CA GLY A 12 16.44 12.39 12.81
C GLY A 12 15.36 11.73 13.64
N SER A 13 14.97 12.48 14.66
CA SER A 13 13.96 12.10 15.62
C SER A 13 12.54 12.19 15.04
N VAL A 14 11.67 11.45 15.68
CA VAL A 14 10.25 11.38 15.32
C VAL A 14 9.58 12.67 15.84
N HIS A 15 8.54 13.15 15.12
CA HIS A 15 7.77 14.32 15.55
C HIS A 15 6.90 13.88 16.71
N HIS A 16 6.87 14.69 17.77
CA HIS A 16 6.05 14.39 18.94
C HIS A 16 4.86 15.34 18.98
N ILE A 17 3.67 14.76 19.19
CA ILE A 17 2.41 15.51 19.24
C ILE A 17 1.86 15.38 20.67
N LYS A 18 1.37 16.50 21.23
CA LYS A 18 0.78 16.53 22.57
C LYS A 18 -0.55 15.82 22.50
N ARG A 19 -0.87 15.05 23.54
CA ARG A 19 -2.14 14.32 23.60
C ARG A 19 -3.32 15.27 23.49
N ARG A 20 -3.27 16.43 24.20
CA ARG A 20 -4.34 17.44 24.20
C ARG A 20 -4.55 18.07 22.81
N ASP A 21 -3.60 17.88 21.89
CA ASP A 21 -3.76 18.39 20.54
C ASP A 21 -4.50 17.41 19.62
N ILE A 22 -4.80 16.19 20.11
CA ILE A 22 -5.54 15.18 19.34
C ILE A 22 -6.93 15.03 19.96
N VAL A 23 -7.96 15.16 19.12
CA VAL A 23 -9.37 15.05 19.54
C VAL A 23 -10.01 13.95 18.70
N LEU A 24 -10.25 12.77 19.30
CA LEU A 24 -10.83 11.64 18.59
C LEU A 24 -12.28 11.86 18.17
N LYS A 25 -12.61 11.42 16.96
CA LYS A 25 -13.97 11.54 16.41
C LYS A 25 -14.69 10.19 16.43
N TRP A 26 -14.27 9.24 15.59
CA TRP A 26 -14.88 7.90 15.57
C TRP A 26 -13.89 6.93 14.97
N GLU A 27 -14.14 5.63 15.17
CA GLU A 27 -13.29 4.58 14.63
C GLU A 27 -13.45 4.49 13.11
N LEU A 28 -12.32 4.35 12.41
CA LEU A 28 -12.26 4.18 10.95
C LEU A 28 -12.09 2.69 10.60
N GLY A 29 -11.38 1.97 11.47
CA GLY A 29 -11.09 0.54 11.34
C GLY A 29 -10.36 -0.02 12.55
N GLU A 30 -10.09 -1.35 12.52
CA GLU A 30 -9.39 -2.08 13.58
C GLU A 30 -8.85 -3.42 13.03
N GLY A 31 -7.76 -3.90 13.61
CA GLY A 31 -7.19 -5.18 13.23
C GLY A 31 -5.78 -5.39 13.76
N ALA A 32 -4.80 -4.83 13.02
CA ALA A 32 -3.37 -4.95 13.30
C ALA A 32 -2.93 -4.31 14.60
N PHE A 33 -3.10 -5.07 15.72
CA PHE A 33 -2.72 -4.67 17.07
C PHE A 33 -3.15 -3.23 17.43
N GLY A 34 -4.40 -2.89 17.09
CA GLY A 34 -4.95 -1.57 17.38
C GLY A 34 -6.05 -1.06 16.47
N LYS A 35 -6.80 -0.08 16.99
CA LYS A 35 -7.88 0.61 16.31
C LYS A 35 -7.34 1.87 15.63
N VAL A 36 -8.00 2.27 14.53
CA VAL A 36 -7.66 3.48 13.77
C VAL A 36 -8.86 4.42 13.88
N PHE A 37 -8.61 5.65 14.34
CA PHE A 37 -9.66 6.65 14.52
C PHE A 37 -9.49 7.83 13.59
N LEU A 38 -10.61 8.44 13.21
CA LEU A 38 -10.56 9.75 12.58
C LEU A 38 -10.40 10.68 13.79
N ALA A 39 -9.63 11.75 13.64
CA ALA A 39 -9.44 12.71 14.72
C ALA A 39 -9.14 14.08 14.17
N GLU A 40 -9.25 15.08 15.03
CA GLU A 40 -8.83 16.45 14.71
C GLU A 40 -7.47 16.62 15.38
N CYS A 41 -6.51 17.26 14.69
CA CYS A 41 -5.21 17.50 15.29
C CYS A 41 -4.93 18.99 15.24
N HIS A 42 -4.62 19.57 16.40
CA HIS A 42 -4.36 21.00 16.51
C HIS A 42 -2.87 21.26 16.52
N ASN A 43 -2.45 22.44 16.00
CA ASN A 43 -1.05 22.91 16.01
C ASN A 43 -0.06 21.99 15.27
N LEU A 44 -0.54 21.18 14.30
CA LEU A 44 0.32 20.29 13.54
C LEU A 44 0.96 21.04 12.35
N LEU A 45 0.10 21.68 11.52
CA LEU A 45 0.55 22.47 10.38
C LEU A 45 0.28 23.96 10.65
N PRO A 46 1.30 24.82 10.37
CA PRO A 46 1.20 26.27 10.70
C PRO A 46 -0.04 27.08 10.30
N GLU A 47 -0.52 26.88 9.07
CA GLU A 47 -1.64 27.62 8.48
C GLU A 47 -3.00 27.22 9.00
N GLN A 48 -3.23 25.92 9.25
CA GLN A 48 -4.51 25.42 9.74
C GLN A 48 -4.52 25.14 11.24
N ASP A 49 -5.44 25.83 11.97
CA ASP A 49 -5.63 25.68 13.42
C ASP A 49 -5.88 24.20 13.74
N LYS A 50 -6.78 23.57 12.98
CA LYS A 50 -7.11 22.17 13.12
C LYS A 50 -7.31 21.49 11.78
N MET A 51 -7.03 20.20 11.76
CA MET A 51 -7.12 19.40 10.55
C MET A 51 -7.49 17.97 10.90
N LEU A 52 -8.03 17.24 9.93
CA LEU A 52 -8.37 15.85 10.16
C LEU A 52 -7.16 14.98 9.95
N VAL A 53 -7.00 13.97 10.79
CA VAL A 53 -5.94 12.95 10.75
C VAL A 53 -6.51 11.57 11.08
N ALA A 54 -5.70 10.53 10.83
CA ALA A 54 -6.05 9.17 11.17
C ALA A 54 -5.05 8.79 12.28
N VAL A 55 -5.58 8.24 13.36
CA VAL A 55 -4.80 7.95 14.56
C VAL A 55 -4.89 6.46 14.89
N LYS A 56 -3.73 5.81 14.96
CA LYS A 56 -3.64 4.40 15.33
C LYS A 56 -3.30 4.35 16.84
N ALA A 57 -4.14 3.66 17.63
CA ALA A 57 -3.92 3.50 19.07
C ALA A 57 -3.38 2.10 19.29
N LEU A 58 -2.09 2.00 19.71
CA LEU A 58 -1.38 0.73 19.94
C LEU A 58 -1.98 -0.05 21.11
N LYS A 59 -2.29 -1.33 20.86
CA LYS A 59 -2.94 -2.25 21.81
C LYS A 59 -2.08 -2.70 23.00
N GLU A 60 -0.76 -2.88 22.81
CA GLU A 60 0.12 -3.41 23.85
C GLU A 60 1.18 -2.48 24.46
N ALA A 61 2.12 -3.09 25.22
CA ALA A 61 3.31 -2.56 25.93
C ALA A 61 3.98 -3.80 26.56
N SER A 62 4.48 -4.70 25.68
CA SER A 62 5.08 -6.01 25.98
C SER A 62 6.29 -6.13 26.96
N GLU A 63 7.37 -5.28 26.92
CA GLU A 63 7.59 -4.07 26.13
C GLU A 63 8.48 -4.26 24.88
N SER A 64 8.22 -5.33 24.11
CA SER A 64 8.88 -5.61 22.84
C SER A 64 8.09 -4.83 21.76
N ALA A 65 6.80 -4.57 22.07
CA ALA A 65 5.84 -3.81 21.26
C ALA A 65 6.21 -2.32 21.29
N ARG A 66 6.72 -1.84 22.45
CA ARG A 66 7.18 -0.47 22.67
C ARG A 66 8.50 -0.25 21.90
N GLN A 67 9.34 -1.32 21.82
CA GLN A 67 10.60 -1.30 21.08
C GLN A 67 10.30 -1.25 19.58
N ASP A 68 9.32 -2.07 19.13
CA ASP A 68 8.84 -2.11 17.76
C ASP A 68 8.18 -0.78 17.40
N PHE A 69 7.41 -0.17 18.35
CA PHE A 69 6.73 1.14 18.15
C PHE A 69 7.75 2.22 17.77
N GLN A 70 8.82 2.37 18.57
CA GLN A 70 9.86 3.36 18.34
C GLN A 70 10.55 3.15 17.01
N ARG A 71 10.96 1.91 16.70
CA ARG A 71 11.64 1.59 15.46
C ARG A 71 10.72 1.85 14.27
N GLU A 72 9.45 1.38 14.35
CA GLU A 72 8.50 1.62 13.27
C GLU A 72 8.34 3.15 13.04
N ALA A 73 8.17 3.90 14.13
CA ALA A 73 8.02 5.36 14.07
C ALA A 73 9.25 6.00 13.41
N GLU A 74 10.48 5.56 13.77
CA GLU A 74 11.69 6.12 13.16
C GLU A 74 11.74 5.80 11.64
N LEU A 75 11.30 4.59 11.25
CA LEU A 75 11.24 4.16 9.86
C LEU A 75 10.22 4.98 9.07
N LEU A 76 8.99 5.13 9.61
CA LEU A 76 7.93 5.88 8.91
C LEU A 76 8.24 7.35 8.72
N THR A 77 8.98 7.97 9.65
CA THR A 77 9.30 9.40 9.44
C THR A 77 10.22 9.61 8.23
N MET A 78 11.02 8.58 7.88
CA MET A 78 11.95 8.55 6.74
C MET A 78 11.23 8.48 5.39
N LEU A 79 10.03 7.90 5.36
CA LEU A 79 9.27 7.68 4.12
C LEU A 79 8.50 8.94 3.73
N GLN A 80 9.05 9.70 2.78
CA GLN A 80 8.47 10.98 2.35
C GLN A 80 8.39 11.02 0.84
N HIS A 81 7.18 10.77 0.33
CA HIS A 81 6.93 10.73 -1.10
C HIS A 81 5.44 10.97 -1.38
N GLN A 82 5.18 11.60 -2.54
CA GLN A 82 3.86 11.91 -3.05
C GLN A 82 2.89 10.72 -3.01
N HIS A 83 3.39 9.50 -3.22
CA HIS A 83 2.53 8.30 -3.26
C HIS A 83 2.79 7.28 -2.16
N ILE A 84 3.35 7.77 -1.03
CA ILE A 84 3.59 6.95 0.16
C ILE A 84 2.81 7.61 1.30
N VAL A 85 2.15 6.80 2.15
CA VAL A 85 1.38 7.27 3.30
C VAL A 85 2.24 8.28 4.10
N ARG A 86 1.61 9.40 4.47
CA ARG A 86 2.28 10.47 5.19
C ARG A 86 2.09 10.27 6.70
N PHE A 87 3.21 10.09 7.39
CA PHE A 87 3.26 9.92 8.84
C PHE A 87 3.57 11.28 9.50
N PHE A 88 2.70 11.69 10.46
CA PHE A 88 2.83 12.96 11.19
C PHE A 88 3.59 12.93 12.49
N GLY A 89 3.61 11.77 13.13
CA GLY A 89 4.31 11.65 14.41
C GLY A 89 3.62 10.75 15.41
N VAL A 90 4.10 10.81 16.65
CA VAL A 90 3.62 9.97 17.74
C VAL A 90 3.15 10.79 18.91
N CYS A 91 2.36 10.15 19.76
CA CYS A 91 2.00 10.70 21.06
C CYS A 91 2.35 9.61 22.05
N THR A 92 3.34 9.89 22.89
CA THR A 92 3.94 9.01 23.88
C THR A 92 3.50 9.36 25.31
N GLU A 93 2.75 10.47 25.50
CA GLU A 93 2.27 10.83 26.84
C GLU A 93 1.05 10.00 27.23
N GLY A 94 1.28 9.03 28.12
CA GLY A 94 0.27 8.12 28.61
C GLY A 94 0.03 6.91 27.73
N ARG A 95 -0.98 6.10 28.08
CA ARG A 95 -1.35 4.89 27.35
C ARG A 95 -2.80 5.04 26.85
N PRO A 96 -3.10 4.59 25.61
CA PRO A 96 -2.21 3.92 24.66
C PRO A 96 -1.30 4.87 23.90
N LEU A 97 -0.25 4.32 23.32
CA LEU A 97 0.69 5.08 22.48
C LEU A 97 -0.06 5.33 21.17
N LEU A 98 0.12 6.51 20.58
CA LEU A 98 -0.59 6.89 19.35
C LEU A 98 0.35 7.18 18.19
N MET A 99 -0.04 6.77 16.98
CA MET A 99 0.66 7.11 15.76
C MET A 99 -0.31 7.89 14.91
N VAL A 100 0.12 9.04 14.38
CA VAL A 100 -0.74 9.96 13.64
C VAL A 100 -0.33 9.97 12.17
N PHE A 101 -1.33 9.79 11.28
CA PHE A 101 -1.18 9.76 9.84
C PHE A 101 -2.10 10.74 9.17
N GLU A 102 -1.84 11.01 7.90
CA GLU A 102 -2.75 11.84 7.11
C GLU A 102 -4.11 11.12 6.95
N TYR A 103 -5.21 11.88 7.02
CA TYR A 103 -6.54 11.32 6.78
C TYR A 103 -6.76 11.30 5.27
N MET A 104 -7.08 10.11 4.72
CA MET A 104 -7.33 9.96 3.29
C MET A 104 -8.82 9.77 3.08
N ARG A 105 -9.49 10.84 2.62
CA ARG A 105 -10.96 10.90 2.58
C ARG A 105 -11.74 9.76 1.96
N HIS A 106 -11.16 9.07 0.97
CA HIS A 106 -11.87 7.98 0.28
C HIS A 106 -11.57 6.57 0.75
N GLY A 107 -10.79 6.46 1.81
CA GLY A 107 -10.42 5.20 2.44
C GLY A 107 -9.55 4.27 1.62
N ASP A 108 -9.61 2.99 1.94
CA ASP A 108 -8.74 2.04 1.25
C ASP A 108 -9.11 1.80 -0.22
N LEU A 109 -8.08 1.55 -1.02
CA LEU A 109 -8.20 1.34 -2.46
C LEU A 109 -9.02 0.09 -2.82
N ASN A 110 -8.90 -0.98 -2.03
CA ASN A 110 -9.67 -2.18 -2.35
C ASN A 110 -11.18 -1.88 -2.31
N ARG A 111 -11.64 -1.21 -1.23
CA ARG A 111 -13.06 -0.88 -1.09
C ARG A 111 -13.49 0.13 -2.13
N PHE A 112 -12.57 1.07 -2.48
CA PHE A 112 -12.79 2.09 -3.49
C PHE A 112 -13.05 1.43 -4.86
N LEU A 113 -12.20 0.45 -5.24
CA LEU A 113 -12.35 -0.25 -6.51
C LEU A 113 -13.69 -1.00 -6.56
N ARG A 114 -13.99 -1.75 -5.49
CA ARG A 114 -15.21 -2.55 -5.36
C ARG A 114 -16.49 -1.73 -5.45
N SER A 115 -16.47 -0.49 -4.91
CA SER A 115 -17.63 0.43 -4.92
C SER A 115 -17.74 1.26 -6.21
N HIS A 116 -16.65 1.33 -7.03
CA HIS A 116 -16.62 2.08 -8.28
C HIS A 116 -16.45 1.17 -9.48
N GLY A 117 -17.04 -0.03 -9.39
CA GLY A 117 -16.95 -1.03 -10.45
C GLY A 117 -18.28 -1.62 -10.85
N PRO A 118 -18.32 -2.93 -11.21
CA PRO A 118 -19.60 -3.56 -11.59
C PRO A 118 -20.54 -3.81 -10.40
N VAL A 129 -16.01 12.53 -4.46
CA VAL A 129 -15.78 11.68 -5.62
C VAL A 129 -17.02 11.61 -6.54
N ALA A 130 -16.80 11.45 -7.86
CA ALA A 130 -17.86 11.30 -8.85
C ALA A 130 -18.26 9.81 -8.92
N PRO A 131 -19.50 9.44 -8.51
CA PRO A 131 -19.87 8.02 -8.53
C PRO A 131 -20.10 7.44 -9.93
N GLY A 132 -19.90 6.13 -10.05
CA GLY A 132 -20.02 5.39 -11.30
C GLY A 132 -18.83 4.47 -11.52
N PRO A 133 -18.76 3.74 -12.67
CA PRO A 133 -17.61 2.85 -12.90
C PRO A 133 -16.36 3.61 -13.35
N LEU A 134 -15.19 3.25 -12.78
CA LEU A 134 -13.92 3.91 -13.16
C LEU A 134 -13.60 3.55 -14.61
N GLY A 135 -13.20 4.55 -15.39
CA GLY A 135 -12.83 4.34 -16.79
C GLY A 135 -11.39 3.87 -16.89
N LEU A 136 -10.97 3.44 -18.10
CA LEU A 136 -9.60 2.98 -18.35
C LEU A 136 -8.53 4.02 -17.91
N GLY A 137 -8.73 5.29 -18.24
CA GLY A 137 -7.81 6.36 -17.86
C GLY A 137 -7.60 6.45 -16.36
N GLN A 138 -8.71 6.32 -15.60
CA GLN A 138 -8.68 6.38 -14.14
C GLN A 138 -7.97 5.19 -13.52
N LEU A 139 -8.21 3.97 -14.08
CA LEU A 139 -7.54 2.76 -13.59
C LEU A 139 -6.03 2.86 -13.85
N LEU A 140 -5.63 3.40 -15.03
CA LEU A 140 -4.20 3.59 -15.35
C LEU A 140 -3.56 4.61 -14.43
N ALA A 141 -4.32 5.70 -14.08
CA ALA A 141 -3.83 6.75 -13.17
C ALA A 141 -3.56 6.13 -11.77
N VAL A 142 -4.48 5.28 -11.28
CA VAL A 142 -4.31 4.58 -9.99
C VAL A 142 -3.01 3.73 -10.04
N ALA A 143 -2.89 2.91 -11.08
CA ALA A 143 -1.77 1.99 -11.27
C ALA A 143 -0.42 2.72 -11.37
N SER A 144 -0.38 3.86 -12.07
CA SER A 144 0.82 4.67 -12.26
C SER A 144 1.27 5.24 -10.90
N GLN A 145 0.29 5.67 -10.06
CA GLN A 145 0.58 6.23 -8.73
C GLN A 145 1.17 5.20 -7.79
N VAL A 146 0.56 3.99 -7.75
CA VAL A 146 1.11 2.90 -6.93
C VAL A 146 2.52 2.57 -7.46
N ALA A 147 2.72 2.50 -8.80
CA ALA A 147 4.05 2.21 -9.33
C ALA A 147 5.08 3.28 -8.91
N ALA A 148 4.66 4.57 -8.92
CA ALA A 148 5.52 5.70 -8.51
C ALA A 148 6.00 5.51 -7.05
N GLY A 149 5.08 5.10 -6.15
CA GLY A 149 5.44 4.86 -4.76
C GLY A 149 6.43 3.71 -4.64
N MET A 150 6.23 2.63 -5.45
CA MET A 150 7.12 1.48 -5.44
C MET A 150 8.54 1.83 -5.97
N VAL A 151 8.62 2.76 -6.94
CA VAL A 151 9.91 3.25 -7.45
C VAL A 151 10.67 3.93 -6.29
N TYR A 152 9.93 4.76 -5.54
CA TYR A 152 10.49 5.44 -4.39
C TYR A 152 11.02 4.43 -3.35
N LEU A 153 10.20 3.43 -2.98
CA LEU A 153 10.64 2.42 -2.01
C LEU A 153 11.85 1.63 -2.48
N ALA A 154 11.87 1.22 -3.75
CA ALA A 154 13.00 0.49 -4.33
C ALA A 154 14.30 1.34 -4.23
N GLY A 155 14.17 2.65 -4.43
CA GLY A 155 15.29 3.60 -4.34
C GLY A 155 15.88 3.68 -2.95
N LEU A 156 15.04 3.51 -1.92
CA LEU A 156 15.42 3.52 -0.52
C LEU A 156 15.88 2.15 -0.05
N HIS A 157 15.77 1.10 -0.92
CA HIS A 157 16.07 -0.28 -0.53
C HIS A 157 15.09 -0.75 0.56
N PHE A 158 13.85 -0.22 0.51
CA PHE A 158 12.76 -0.56 1.41
C PHE A 158 11.91 -1.63 0.73
N VAL A 159 11.86 -2.84 1.32
CA VAL A 159 11.03 -3.94 0.82
C VAL A 159 9.72 -3.90 1.60
N HIS A 160 8.60 -3.72 0.89
CA HIS A 160 7.29 -3.54 1.50
C HIS A 160 6.76 -4.84 2.13
N ARG A 161 6.82 -5.96 1.36
CA ARG A 161 6.40 -7.33 1.73
C ARG A 161 4.88 -7.58 1.73
N ASP A 162 4.05 -6.53 1.68
CA ASP A 162 2.60 -6.78 1.64
C ASP A 162 1.89 -5.76 0.73
N LEU A 163 2.39 -5.60 -0.50
CA LEU A 163 1.72 -4.68 -1.41
C LEU A 163 0.41 -5.34 -1.89
N ALA A 164 -0.68 -4.61 -1.72
CA ALA A 164 -2.04 -5.04 -2.04
C ALA A 164 -2.93 -3.81 -2.02
N THR A 165 -4.05 -3.80 -2.80
CA THR A 165 -4.87 -2.59 -2.83
C THR A 165 -5.47 -2.27 -1.45
N ARG A 166 -5.72 -3.30 -0.60
CA ARG A 166 -6.24 -3.07 0.77
C ARG A 166 -5.28 -2.22 1.60
N ASN A 167 -3.98 -2.18 1.20
CA ASN A 167 -2.96 -1.41 1.88
C ASN A 167 -2.70 -0.06 1.25
N CYS A 168 -3.53 0.35 0.28
CA CYS A 168 -3.41 1.66 -0.35
C CYS A 168 -4.60 2.50 0.05
N LEU A 169 -4.39 3.80 0.05
CA LEU A 169 -5.43 4.76 0.42
C LEU A 169 -5.72 5.71 -0.73
N VAL A 170 -6.95 6.24 -0.78
CA VAL A 170 -7.36 7.19 -1.81
C VAL A 170 -7.78 8.48 -1.12
N GLY A 171 -7.17 9.57 -1.55
CA GLY A 171 -7.48 10.89 -1.00
C GLY A 171 -8.15 11.81 -2.01
N GLN A 172 -8.25 13.09 -1.63
CA GLN A 172 -8.86 14.15 -2.43
C GLN A 172 -8.27 14.17 -3.83
N GLY A 173 -9.13 14.25 -4.85
CA GLY A 173 -8.74 14.24 -6.25
C GLY A 173 -8.15 12.94 -6.76
N LEU A 174 -8.54 11.80 -6.13
CA LEU A 174 -8.05 10.46 -6.51
C LEU A 174 -6.53 10.25 -6.32
N VAL A 175 -5.90 10.96 -5.36
CA VAL A 175 -4.49 10.75 -5.03
C VAL A 175 -4.41 9.39 -4.32
N VAL A 176 -3.49 8.52 -4.75
CA VAL A 176 -3.31 7.19 -4.16
C VAL A 176 -1.97 7.16 -3.46
N LYS A 177 -1.96 6.61 -2.24
CA LYS A 177 -0.74 6.46 -1.45
C LYS A 177 -0.64 5.05 -0.89
N ILE A 178 0.59 4.51 -0.87
CA ILE A 178 0.85 3.18 -0.33
C ILE A 178 1.11 3.23 1.16
N GLY A 179 0.44 2.34 1.90
CA GLY A 179 0.68 2.18 3.32
C GLY A 179 0.80 0.69 3.65
N ASP A 180 0.66 0.37 4.92
CA ASP A 180 0.66 -1.00 5.42
C ASP A 180 -0.13 -1.02 6.72
N PHE A 181 -1.33 -1.59 6.68
CA PHE A 181 -2.24 -1.61 7.82
C PHE A 181 -2.22 -2.95 8.57
N GLY A 182 -1.16 -3.73 8.34
CA GLY A 182 -0.93 -5.02 8.98
C GLY A 182 -1.94 -6.10 8.62
N LEU A 201 -0.34 -14.92 6.24
CA LEU A 201 0.49 -14.35 5.17
C LEU A 201 -0.35 -13.99 3.93
N PRO A 202 0.02 -12.91 3.20
CA PRO A 202 -0.73 -12.54 1.98
C PRO A 202 -0.30 -13.41 0.79
N ILE A 203 -0.42 -14.72 0.95
CA ILE A 203 0.00 -15.72 -0.01
C ILE A 203 -0.40 -15.46 -1.45
N ARG A 204 -1.65 -15.03 -1.67
CA ARG A 204 -2.17 -14.80 -3.02
C ARG A 204 -1.42 -13.71 -3.81
N TRP A 205 -0.70 -12.81 -3.10
CA TRP A 205 0.07 -11.74 -3.73
C TRP A 205 1.56 -12.05 -3.83
N MET A 206 1.97 -13.19 -3.27
CA MET A 206 3.38 -13.52 -3.19
C MET A 206 3.89 -14.38 -4.33
N PRO A 207 5.19 -14.20 -4.71
CA PRO A 207 5.80 -15.11 -5.69
C PRO A 207 6.23 -16.43 -5.03
N PRO A 208 6.56 -17.49 -5.84
CA PRO A 208 6.97 -18.75 -5.24
C PRO A 208 8.11 -18.65 -4.21
N GLU A 209 9.17 -17.84 -4.49
CA GLU A 209 10.32 -17.75 -3.57
C GLU A 209 9.97 -17.15 -2.21
N SER A 210 8.92 -16.30 -2.16
CA SER A 210 8.49 -15.69 -0.90
C SER A 210 7.67 -16.74 -0.14
N ILE A 211 6.79 -17.46 -0.84
CA ILE A 211 5.98 -18.50 -0.18
C ILE A 211 6.89 -19.62 0.37
N LEU A 212 7.80 -20.11 -0.47
CA LEU A 212 8.63 -21.28 -0.13
C LEU A 212 9.84 -21.03 0.73
N TYR A 213 10.50 -19.88 0.52
CA TYR A 213 11.77 -19.58 1.17
C TYR A 213 11.80 -18.28 1.98
N ARG A 214 10.63 -17.58 2.14
CA ARG A 214 10.54 -16.31 2.85
C ARG A 214 11.57 -15.31 2.33
N LYS A 215 11.83 -15.34 0.99
CA LYS A 215 12.77 -14.43 0.35
C LYS A 215 11.98 -13.22 -0.15
N PHE A 216 12.10 -12.08 0.57
CA PHE A 216 11.37 -10.83 0.24
C PHE A 216 12.37 -9.81 -0.22
N THR A 217 12.24 -9.40 -1.47
CA THR A 217 13.19 -8.52 -2.14
C THR A 217 12.44 -7.50 -2.96
N THR A 218 13.18 -6.56 -3.59
CA THR A 218 12.59 -5.62 -4.56
C THR A 218 11.82 -6.44 -5.66
N GLU A 219 12.36 -7.63 -6.02
CA GLU A 219 11.78 -8.49 -7.06
C GLU A 219 10.46 -9.16 -6.64
N SER A 220 10.34 -9.53 -5.34
CA SER A 220 9.07 -10.08 -4.86
C SER A 220 8.03 -8.92 -4.76
N ASP A 221 8.50 -7.69 -4.44
CA ASP A 221 7.59 -6.52 -4.44
C ASP A 221 7.07 -6.28 -5.86
N VAL A 222 7.94 -6.42 -6.89
CA VAL A 222 7.46 -6.19 -8.26
C VAL A 222 6.40 -7.23 -8.66
N TRP A 223 6.57 -8.48 -8.21
CA TRP A 223 5.57 -9.51 -8.48
C TRP A 223 4.23 -9.09 -7.85
N SER A 224 4.24 -8.67 -6.56
CA SER A 224 3.02 -8.21 -5.88
C SER A 224 2.41 -6.99 -6.60
N PHE A 225 3.26 -6.13 -7.17
CA PHE A 225 2.76 -5.01 -7.94
C PHE A 225 1.92 -5.52 -9.15
N GLY A 226 2.43 -6.54 -9.84
CA GLY A 226 1.70 -7.18 -10.94
C GLY A 226 0.35 -7.68 -10.46
N VAL A 227 0.29 -8.29 -9.25
CA VAL A 227 -0.98 -8.74 -8.67
C VAL A 227 -1.87 -7.51 -8.34
N VAL A 228 -1.28 -6.40 -7.84
CA VAL A 228 -2.03 -5.16 -7.60
C VAL A 228 -2.65 -4.67 -8.94
N LEU A 229 -1.88 -4.74 -10.05
CA LEU A 229 -2.41 -4.35 -11.35
C LEU A 229 -3.64 -5.21 -11.69
N TRP A 230 -3.55 -6.52 -11.42
CA TRP A 230 -4.66 -7.45 -11.64
C TRP A 230 -5.87 -7.04 -10.78
N GLU A 231 -5.65 -6.70 -9.49
CA GLU A 231 -6.75 -6.25 -8.62
C GLU A 231 -7.40 -4.98 -9.22
N ILE A 232 -6.57 -4.02 -9.67
CA ILE A 232 -7.10 -2.76 -10.21
C ILE A 232 -8.01 -3.06 -11.40
N PHE A 233 -7.53 -3.89 -12.32
CA PHE A 233 -8.26 -4.23 -13.54
C PHE A 233 -9.42 -5.22 -13.36
N THR A 234 -9.63 -5.74 -12.15
CA THR A 234 -10.77 -6.61 -11.81
C THR A 234 -11.70 -5.89 -10.81
N TYR A 235 -11.44 -4.59 -10.55
CA TYR A 235 -12.19 -3.77 -9.60
C TYR A 235 -12.17 -4.41 -8.18
N GLY A 236 -10.99 -4.86 -7.75
CA GLY A 236 -10.75 -5.33 -6.40
C GLY A 236 -11.05 -6.76 -6.06
N LYS A 237 -11.27 -7.61 -7.08
CA LYS A 237 -11.49 -9.05 -6.86
C LYS A 237 -10.24 -9.66 -6.20
N GLN A 238 -10.45 -10.66 -5.34
CA GLN A 238 -9.34 -11.32 -4.69
C GLN A 238 -8.58 -12.19 -5.72
N PRO A 239 -7.22 -12.14 -5.76
CA PRO A 239 -6.47 -13.02 -6.70
C PRO A 239 -6.76 -14.48 -6.40
N TRP A 240 -6.89 -15.28 -7.46
CA TRP A 240 -7.16 -16.73 -7.32
C TRP A 240 -8.48 -16.99 -6.57
N TYR A 241 -9.47 -16.08 -6.76
CA TYR A 241 -10.77 -16.14 -6.05
C TYR A 241 -11.50 -17.47 -6.22
N GLN A 242 -11.24 -18.19 -7.33
CA GLN A 242 -11.88 -19.49 -7.57
C GLN A 242 -11.22 -20.66 -6.79
N LEU A 243 -10.15 -20.36 -6.03
CA LEU A 243 -9.37 -21.37 -5.32
C LEU A 243 -9.34 -21.17 -3.80
N SER A 244 -9.22 -22.29 -3.08
CA SER A 244 -9.05 -22.24 -1.62
C SER A 244 -7.61 -21.74 -1.35
N ASN A 245 -7.31 -21.37 -0.10
CA ASN A 245 -5.97 -20.90 0.28
C ASN A 245 -4.91 -21.98 -0.08
N THR A 246 -5.22 -23.26 0.17
CA THR A 246 -4.32 -24.38 -0.17
C THR A 246 -4.13 -24.53 -1.68
N GLU A 247 -5.23 -24.48 -2.45
CA GLU A 247 -5.18 -24.59 -3.92
C GLU A 247 -4.40 -23.42 -4.51
N ALA A 248 -4.56 -22.22 -3.92
CA ALA A 248 -3.84 -21.01 -4.37
C ALA A 248 -2.31 -21.17 -4.19
N ILE A 249 -1.84 -21.66 -3.02
CA ILE A 249 -0.43 -21.90 -2.70
C ILE A 249 0.20 -22.87 -3.71
N ASP A 250 -0.45 -24.01 -3.92
CA ASP A 250 0.06 -24.99 -4.85
C ASP A 250 0.15 -24.45 -6.27
N CYS A 251 -0.90 -23.76 -6.69
CA CYS A 251 -1.04 -23.14 -7.98
C CYS A 251 0.10 -22.08 -8.28
N ILE A 252 0.44 -21.23 -7.29
CA ILE A 252 1.52 -20.24 -7.41
C ILE A 252 2.87 -20.98 -7.48
N THR A 253 3.10 -21.96 -6.60
CA THR A 253 4.34 -22.74 -6.57
C THR A 253 4.57 -23.51 -7.86
N GLN A 254 3.48 -23.97 -8.52
CA GLN A 254 3.54 -24.71 -9.77
C GLN A 254 3.77 -23.83 -10.99
N GLY A 255 3.55 -22.53 -10.86
CA GLY A 255 3.77 -21.59 -11.95
C GLY A 255 2.57 -21.18 -12.78
N ARG A 256 1.34 -21.37 -12.27
CA ARG A 256 0.14 -20.95 -13.00
C ARG A 256 -0.04 -19.43 -12.87
N GLU A 257 -0.37 -18.75 -13.99
CA GLU A 257 -0.54 -17.30 -14.05
C GLU A 257 -1.98 -16.88 -13.95
N LEU A 258 -2.24 -15.72 -13.29
CA LEU A 258 -3.57 -15.11 -13.19
C LEU A 258 -4.06 -14.78 -14.60
N GLU A 259 -5.34 -15.02 -14.86
CA GLU A 259 -5.94 -14.76 -16.16
C GLU A 259 -6.04 -13.26 -16.43
N ARG A 260 -6.02 -12.88 -17.70
CA ARG A 260 -6.18 -11.49 -18.10
C ARG A 260 -7.59 -10.97 -17.76
N PRO A 261 -7.70 -9.90 -16.95
CA PRO A 261 -9.03 -9.33 -16.66
C PRO A 261 -9.69 -8.78 -17.92
N ARG A 262 -11.03 -8.86 -17.99
CA ARG A 262 -11.82 -8.35 -19.12
C ARG A 262 -11.56 -6.86 -19.41
N ALA A 263 -11.42 -6.02 -18.37
CA ALA A 263 -11.19 -4.58 -18.53
C ALA A 263 -9.70 -4.24 -18.81
N CYS A 264 -8.82 -5.26 -18.83
CA CYS A 264 -7.37 -5.07 -19.01
C CYS A 264 -6.95 -5.01 -20.48
N PRO A 265 -6.36 -3.89 -20.99
CA PRO A 265 -5.90 -3.91 -22.39
C PRO A 265 -4.67 -4.85 -22.54
N PRO A 266 -4.35 -5.32 -23.77
CA PRO A 266 -3.18 -6.18 -23.96
C PRO A 266 -1.87 -5.57 -23.45
N GLU A 267 -1.69 -4.24 -23.64
CA GLU A 267 -0.50 -3.50 -23.16
C GLU A 267 -0.27 -3.65 -21.64
N VAL A 268 -1.37 -3.68 -20.86
CA VAL A 268 -1.34 -3.76 -19.40
C VAL A 268 -1.08 -5.20 -18.96
N TYR A 269 -1.69 -6.18 -19.66
CA TYR A 269 -1.42 -7.58 -19.34
C TYR A 269 0.06 -7.92 -19.60
N ALA A 270 0.70 -7.30 -20.63
CA ALA A 270 2.13 -7.48 -20.88
C ALA A 270 2.96 -7.02 -19.63
N ILE A 271 2.52 -5.93 -18.97
CA ILE A 271 3.20 -5.44 -17.77
C ILE A 271 3.06 -6.50 -16.66
N MET A 272 1.83 -7.02 -16.44
CA MET A 272 1.56 -8.06 -15.42
C MET A 272 2.49 -9.26 -15.67
N ARG A 273 2.58 -9.76 -16.92
CA ARG A 273 3.44 -10.90 -17.25
C ARG A 273 4.92 -10.62 -16.99
N GLY A 274 5.32 -9.36 -17.17
CA GLY A 274 6.70 -8.94 -16.91
C GLY A 274 7.04 -8.99 -15.43
N CYS A 275 6.05 -8.65 -14.57
CA CYS A 275 6.18 -8.68 -13.11
C CYS A 275 6.20 -10.11 -12.59
N TRP A 276 5.61 -11.03 -13.37
CA TRP A 276 5.40 -12.44 -13.01
C TRP A 276 6.36 -13.45 -13.57
N GLN A 277 7.53 -13.03 -14.06
CA GLN A 277 8.54 -13.99 -14.54
C GLN A 277 8.94 -14.86 -13.35
N ARG A 278 9.09 -16.18 -13.57
CA ARG A 278 9.43 -17.10 -12.48
C ARG A 278 10.75 -16.74 -11.81
N GLU A 279 11.77 -16.43 -12.63
CA GLU A 279 13.10 -16.06 -12.15
C GLU A 279 13.06 -14.61 -11.66
N PRO A 280 13.32 -14.37 -10.36
CA PRO A 280 13.28 -12.98 -9.86
C PRO A 280 14.14 -12.03 -10.69
N GLN A 281 15.32 -12.49 -11.18
CA GLN A 281 16.19 -11.61 -11.97
C GLN A 281 15.67 -11.27 -13.36
N GLN A 282 14.68 -12.02 -13.85
CA GLN A 282 14.07 -11.78 -15.15
C GLN A 282 12.89 -10.83 -15.08
N ARG A 283 12.34 -10.59 -13.87
CA ARG A 283 11.19 -9.70 -13.71
C ARG A 283 11.54 -8.28 -14.12
N HIS A 284 10.59 -7.59 -14.74
CA HIS A 284 10.79 -6.20 -15.17
C HIS A 284 11.11 -5.32 -13.97
N SER A 285 11.90 -4.27 -14.18
CA SER A 285 12.22 -3.37 -13.07
C SER A 285 11.03 -2.46 -12.78
N ILE A 286 10.83 -2.08 -11.50
CA ILE A 286 9.72 -1.16 -11.18
C ILE A 286 9.84 0.21 -11.91
N LYS A 287 11.08 0.68 -12.17
CA LYS A 287 11.29 1.93 -12.93
C LYS A 287 10.67 1.80 -14.33
N ASP A 288 10.86 0.64 -14.98
CA ASP A 288 10.33 0.43 -16.34
C ASP A 288 8.83 0.24 -16.32
N VAL A 289 8.30 -0.47 -15.31
CA VAL A 289 6.87 -0.70 -15.12
C VAL A 289 6.18 0.65 -14.92
N HIS A 290 6.73 1.50 -14.03
CA HIS A 290 6.19 2.82 -13.77
C HIS A 290 6.22 3.68 -15.06
N ALA A 291 7.38 3.73 -15.76
CA ALA A 291 7.51 4.50 -17.01
C ALA A 291 6.46 4.08 -18.06
N ARG A 292 6.25 2.75 -18.26
CA ARG A 292 5.25 2.20 -19.18
C ARG A 292 3.82 2.64 -18.76
N LEU A 293 3.51 2.55 -17.47
CA LEU A 293 2.19 2.98 -16.96
C LEU A 293 1.97 4.48 -17.17
N GLN A 294 3.01 5.33 -16.94
CA GLN A 294 2.95 6.77 -17.18
C GLN A 294 2.61 7.04 -18.64
N ALA A 295 3.24 6.30 -19.58
CA ALA A 295 2.98 6.43 -21.01
C ALA A 295 1.52 6.08 -21.30
N LEU A 296 1.04 4.97 -20.74
CA LEU A 296 -0.34 4.53 -20.94
C LEU A 296 -1.33 5.47 -20.25
N ALA A 297 -1.04 5.97 -19.03
CA ALA A 297 -1.94 6.88 -18.29
C ALA A 297 -2.09 8.21 -19.03
N GLN A 298 -0.98 8.75 -19.59
CA GLN A 298 -0.94 10.00 -20.33
C GLN A 298 -1.71 9.90 -21.65
N ALA A 299 -1.62 8.74 -22.33
CA ALA A 299 -2.31 8.50 -23.59
C ALA A 299 -2.91 7.08 -23.55
N PRO A 300 -4.09 6.89 -22.88
CA PRO A 300 -4.63 5.52 -22.76
C PRO A 300 -4.93 4.88 -24.09
N PRO A 301 -4.64 3.56 -24.22
CA PRO A 301 -4.95 2.88 -25.49
C PRO A 301 -6.46 2.87 -25.74
N VAL A 302 -6.87 2.87 -27.01
CA VAL A 302 -8.29 2.78 -27.35
C VAL A 302 -8.64 1.30 -27.18
N TYR A 303 -9.09 0.96 -25.97
CA TYR A 303 -9.46 -0.41 -25.63
C TYR A 303 -10.88 -0.47 -25.12
N LEU A 304 -11.64 -1.43 -25.64
CA LEU A 304 -13.01 -1.69 -25.26
C LEU A 304 -13.20 -3.19 -25.13
N ASP A 305 -13.67 -3.64 -23.95
CA ASP A 305 -13.95 -5.05 -23.66
C ASP A 305 -15.20 -5.49 -24.43
C4 6K4 B . -7.14 0.98 7.81
C7 6K4 B . -5.55 3.49 7.91
C8 6K4 B . -4.94 4.72 7.65
C15 6K4 B . -0.62 2.91 9.15
C17 6K4 B . 1.29 2.54 7.68
C20 6K4 B . 3.43 2.20 6.40
C21 6K4 B . 4.05 1.04 5.97
C22 6K4 B . 4.69 1.07 4.74
C28 6K4 B . -5.98 5.57 7.09
C1 6K4 B . -8.25 2.15 5.94
C2 6K4 B . -7.83 2.33 7.45
C3 6K4 B . -9.06 2.63 8.29
O5 6K4 B . -6.65 1.10 9.16
N6 6K4 B . -6.85 3.47 7.48
C9 6K4 B . -3.54 5.03 7.94
O10 6K4 B . -3.06 6.04 7.57
C11 6K4 B . -2.72 4.06 8.69
C12 6K4 B . -3.27 3.37 9.82
N13 6K4 B . -2.52 2.51 10.54
C14 6K4 B . -1.22 2.23 10.25
N16 6K4 B . 0.71 2.60 8.90
O18 6K4 B . 0.67 2.77 6.64
C19 6K4 B . 2.74 2.13 7.74
C23 6K4 B . 4.74 2.25 3.97
CL 6K4 B . 5.52 2.19 2.43
C25 6K4 B . 4.10 3.43 4.44
N26 6K4 B . 3.47 3.37 5.65
C27 6K4 B . -1.37 3.84 8.40
C29 6K4 B . -6.09 6.91 6.72
N30 6K4 B . -7.24 7.40 6.25
C31 6K4 B . -8.36 6.58 6.18
N32 6K4 B . -9.53 7.10 5.71
N33 6K4 B . -8.32 5.27 6.59
C34 6K4 B . -7.19 4.73 7.03
#